data_6UVH
#
_entry.id   6UVH
#
_cell.length_a   152.026
_cell.length_b   65.931
_cell.length_c   77.133
_cell.angle_alpha   90.000
_cell.angle_beta   98.710
_cell.angle_gamma   90.000
#
_symmetry.space_group_name_H-M   'C 1 2 1'
#
loop_
_entity.id
_entity.type
_entity.pdbx_description
1 polymer 'Bcl-2-like protein 1'
2 non-polymer 1,2-ETHANEDIOL
3 non-polymer 'SULFATE ION'
4 non-polymer "(R)-2-(3-(2-((4'-Chloro-[1,1'-biphenyl]-2-yl)methyl)-1,2,3,4-tetrahydroisoquinoline-6-carbonyl)-3-(4-methylbenzyl)ureido)-3-((cyclohexylmethyl)sulfonyl)propanoic acid"
5 water water
#
_entity_poly.entity_id   1
_entity_poly.type   'polypeptide(L)'
_entity_poly.pdbx_seq_one_letter_code
;GPLGSMSQSNRELVVDFLSYKLSQKGYSWSQMAAVKQALREAGDEFELRYRRAFSDLTSQLHITPGTAYQSFEQVVNELF
RDGVNWGRIVAFFSFGGALCVESVDKEMQVLVSRIAAWMATYLNDHLEPWIQENGGWDTFVELYGNNAAAESRKGQER
;
_entity_poly.pdbx_strand_id   A,B,C,D
#
# COMPACT_ATOMS: atom_id res chain seq x y z
N SER A 5 12.08 -6.81 4.25
CA SER A 5 10.71 -7.31 4.14
C SER A 5 10.69 -8.80 3.76
N MET A 6 11.75 -9.25 3.04
CA MET A 6 11.95 -10.64 2.59
C MET A 6 12.22 -11.56 3.80
N SER A 7 12.94 -11.05 4.82
CA SER A 7 13.28 -11.77 6.04
C SER A 7 12.05 -11.98 6.93
N GLN A 8 11.21 -10.93 7.06
CA GLN A 8 10.00 -11.00 7.86
C GLN A 8 8.89 -11.84 7.17
N SER A 9 8.88 -11.86 5.81
CA SER A 9 7.93 -12.66 5.01
C SER A 9 8.22 -14.15 5.17
N ASN A 10 9.50 -14.51 5.19
CA ASN A 10 9.96 -15.89 5.37
C ASN A 10 9.61 -16.37 6.78
N ARG A 11 9.80 -15.48 7.79
CA ARG A 11 9.42 -15.72 9.19
C ARG A 11 7.89 -16.02 9.26
N GLU A 12 7.08 -15.22 8.55
CA GLU A 12 5.63 -15.35 8.44
C GLU A 12 5.18 -16.69 7.82
N LEU A 13 5.87 -17.13 6.76
CA LEU A 13 5.62 -18.40 6.08
C LEU A 13 5.95 -19.59 7.04
N VAL A 14 7.06 -19.48 7.80
CA VAL A 14 7.44 -20.50 8.79
C VAL A 14 6.33 -20.64 9.84
N VAL A 15 5.89 -19.50 10.40
CA VAL A 15 4.86 -19.42 11.43
C VAL A 15 3.53 -19.99 10.92
N ASP A 16 3.14 -19.61 9.70
CA ASP A 16 1.89 -20.10 9.12
C ASP A 16 1.92 -21.61 8.91
N PHE A 17 3.02 -22.15 8.36
CA PHE A 17 3.14 -23.57 8.08
C PHE A 17 3.17 -24.37 9.39
N LEU A 18 3.93 -23.89 10.38
CA LEU A 18 4.05 -24.58 11.67
C LEU A 18 2.73 -24.57 12.42
N SER A 19 1.97 -23.45 12.34
CA SER A 19 0.65 -23.32 12.97
C SER A 19 -0.29 -24.38 12.44
N TYR A 20 -0.22 -24.61 11.11
CA TYR A 20 -1.02 -25.57 10.38
C TYR A 20 -0.72 -27.00 10.81
N LYS A 21 0.56 -27.40 10.79
CA LYS A 21 0.99 -28.74 11.17
C LYS A 21 0.67 -29.07 12.62
N LEU A 22 0.79 -28.07 13.52
CA LEU A 22 0.44 -28.23 14.93
C LEU A 22 -1.06 -28.46 15.10
N SER A 23 -1.87 -27.67 14.41
CA SER A 23 -3.33 -27.75 14.43
C SER A 23 -3.88 -29.09 13.92
N GLN A 24 -3.16 -29.76 13.00
CA GLN A 24 -3.55 -31.05 12.44
C GLN A 24 -3.42 -32.16 13.48
N LYS A 25 -2.63 -31.93 14.54
CA LYS A 25 -2.36 -32.87 15.63
C LYS A 25 -3.05 -32.44 16.93
N GLY A 26 -3.92 -31.43 16.87
CA GLY A 26 -4.65 -30.90 18.01
C GLY A 26 -3.81 -30.05 18.96
N TYR A 27 -2.73 -29.45 18.43
CA TYR A 27 -1.83 -28.56 19.15
C TYR A 27 -2.00 -27.16 18.53
N SER A 28 -1.40 -26.13 19.12
CA SER A 28 -1.48 -24.79 18.55
C SER A 28 -0.20 -24.03 18.74
N TRP A 29 0.13 -23.19 17.73
CA TRP A 29 1.31 -22.34 17.72
C TRP A 29 1.18 -21.29 18.83
N SER A 30 -0.02 -20.72 18.96
CA SER A 30 -0.36 -19.68 19.93
C SER A 30 -1.87 -19.68 20.19
N GLN A 31 -2.30 -18.85 21.16
CA GLN A 31 -3.67 -18.62 21.57
C GLN A 31 -4.47 -18.09 20.38
N MET A 32 -3.86 -17.17 19.60
CA MET A 32 -4.40 -16.56 18.39
C MET A 32 -4.58 -17.59 17.25
N ALA A 33 -3.57 -18.44 17.02
CA ALA A 33 -3.63 -19.48 16.00
C ALA A 33 -4.72 -20.49 16.30
N ALA A 34 -4.95 -20.79 17.62
CA ALA A 34 -6.00 -21.70 18.07
C ALA A 34 -7.37 -21.10 17.78
N VAL A 35 -7.51 -19.77 17.95
CA VAL A 35 -8.75 -19.03 17.69
C VAL A 35 -9.03 -19.03 16.18
N LYS A 36 -8.02 -18.66 15.36
CA LYS A 36 -8.13 -18.64 13.89
C LYS A 36 -8.56 -20.01 13.36
N GLN A 37 -7.95 -21.10 13.85
CA GLN A 37 -8.27 -22.45 13.41
C GLN A 37 -9.67 -22.92 13.82
N ALA A 38 -10.05 -22.73 15.08
CA ALA A 38 -11.39 -23.12 15.55
C ALA A 38 -12.48 -22.36 14.73
N LEU A 39 -12.27 -21.08 14.44
CA LEU A 39 -13.21 -20.25 13.68
C LEU A 39 -13.29 -20.67 12.20
N ARG A 40 -12.14 -21.06 11.60
CA ARG A 40 -12.09 -21.56 10.23
C ARG A 40 -12.97 -22.83 10.12
N GLU A 41 -12.83 -23.74 11.11
CA GLU A 41 -13.58 -24.98 11.14
C GLU A 41 -15.04 -24.77 11.46
N ALA A 42 -15.35 -23.87 12.43
CA ALA A 42 -16.74 -23.59 12.82
C ALA A 42 -17.50 -22.97 11.63
N GLY A 43 -16.82 -22.16 10.81
CA GLY A 43 -17.36 -21.52 9.61
C GLY A 43 -17.74 -22.58 8.58
N ASP A 44 -16.81 -23.50 8.29
CA ASP A 44 -17.05 -24.67 7.42
C ASP A 44 -18.21 -25.49 7.87
N GLU A 45 -18.26 -25.78 9.20
CA GLU A 45 -19.31 -26.60 9.81
C GLU A 45 -20.66 -25.90 9.68
N PHE A 46 -20.74 -24.60 10.06
CA PHE A 46 -21.96 -23.81 9.94
C PHE A 46 -22.48 -23.86 8.48
N GLU A 47 -21.58 -23.65 7.50
CA GLU A 47 -21.92 -23.62 6.06
C GLU A 47 -22.43 -24.96 5.54
N LEU A 48 -21.94 -26.06 6.12
CA LEU A 48 -22.37 -27.40 5.75
C LEU A 48 -23.71 -27.74 6.45
N ARG A 49 -23.84 -27.46 7.78
CA ARG A 49 -25.08 -27.76 8.53
C ARG A 49 -26.25 -26.89 8.14
N TYR A 50 -25.98 -25.61 7.80
CA TYR A 50 -26.99 -24.62 7.42
C TYR A 50 -26.81 -24.22 5.97
N ARG A 51 -26.60 -25.22 5.17
CA ARG A 51 -26.44 -25.24 3.73
C ARG A 51 -27.59 -24.46 3.05
N ARG A 52 -28.86 -24.66 3.48
CA ARG A 52 -30.07 -23.99 2.96
C ARG A 52 -30.05 -22.48 3.22
N ALA A 53 -29.83 -22.06 4.47
CA ALA A 53 -29.74 -20.65 4.84
C ALA A 53 -28.57 -20.00 4.10
N PHE A 54 -27.44 -20.73 3.96
CA PHE A 54 -26.22 -20.22 3.32
C PHE A 54 -26.43 -19.96 1.83
N SER A 55 -26.99 -20.95 1.13
CA SER A 55 -27.32 -20.95 -0.29
C SER A 55 -28.41 -19.90 -0.62
N ASP A 56 -29.47 -19.77 0.21
CA ASP A 56 -30.51 -18.74 -0.05
C ASP A 56 -29.90 -17.33 0.01
N LEU A 57 -29.03 -17.09 1.02
CA LEU A 57 -28.42 -15.78 1.18
C LEU A 57 -27.45 -15.47 0.04
N THR A 58 -26.57 -16.45 -0.32
CA THR A 58 -25.61 -16.25 -1.41
C THR A 58 -26.32 -15.95 -2.73
N SER A 59 -27.49 -16.62 -3.02
CA SER A 59 -28.30 -16.31 -4.23
C SER A 59 -28.74 -14.83 -4.22
N GLN A 60 -29.16 -14.33 -3.05
CA GLN A 60 -29.63 -12.96 -2.90
C GLN A 60 -28.50 -11.95 -3.09
N LEU A 61 -27.30 -12.24 -2.53
CA LEU A 61 -26.08 -11.42 -2.71
C LEU A 61 -25.68 -11.33 -4.22
N HIS A 62 -25.82 -12.44 -4.97
CA HIS A 62 -25.50 -12.46 -6.37
C HIS A 62 -26.45 -11.62 -7.21
N ILE A 63 -27.79 -11.78 -6.97
CA ILE A 63 -28.91 -11.10 -7.65
C ILE A 63 -28.94 -9.59 -7.36
N THR A 64 -28.78 -9.19 -6.08
CA THR A 64 -28.92 -7.78 -5.69
C THR A 64 -28.01 -6.76 -6.44
N PRO A 65 -28.60 -5.65 -6.95
CA PRO A 65 -27.78 -4.56 -7.47
C PRO A 65 -27.40 -3.59 -6.31
N GLY A 66 -27.85 -3.90 -5.09
CA GLY A 66 -27.54 -3.08 -3.92
C GLY A 66 -26.08 -3.11 -3.52
N THR A 67 -25.61 -2.06 -2.81
CA THR A 67 -24.22 -1.94 -2.37
C THR A 67 -23.86 -3.01 -1.38
N ALA A 68 -22.58 -3.37 -1.31
CA ALA A 68 -22.08 -4.32 -0.31
C ALA A 68 -22.31 -3.69 1.12
N TYR A 69 -22.19 -2.35 1.26
CA TYR A 69 -22.46 -1.63 2.52
C TYR A 69 -23.88 -1.96 3.05
N GLN A 70 -24.89 -1.86 2.17
CA GLN A 70 -26.30 -2.10 2.47
C GLN A 70 -26.55 -3.54 2.77
N SER A 71 -26.07 -4.47 1.91
CA SER A 71 -26.22 -5.91 2.16
C SER A 71 -25.60 -6.25 3.53
N PHE A 72 -24.39 -5.68 3.83
CA PHE A 72 -23.69 -5.94 5.10
C PHE A 72 -24.55 -5.58 6.29
N GLU A 73 -25.02 -4.34 6.31
CA GLU A 73 -25.85 -3.78 7.37
C GLU A 73 -27.19 -4.50 7.56
N GLN A 74 -27.90 -4.79 6.46
CA GLN A 74 -29.17 -5.50 6.48
C GLN A 74 -29.07 -6.88 7.15
N VAL A 75 -28.03 -7.60 6.80
CA VAL A 75 -27.84 -8.97 7.23
C VAL A 75 -27.34 -9.03 8.67
N VAL A 76 -26.29 -8.26 8.97
CA VAL A 76 -25.66 -8.21 10.29
C VAL A 76 -26.65 -7.70 11.37
N ASN A 77 -27.44 -6.65 11.05
CA ASN A 77 -28.43 -6.13 12.01
C ASN A 77 -29.54 -7.13 12.30
N GLU A 78 -29.99 -7.85 11.25
CA GLU A 78 -30.98 -8.91 11.38
C GLU A 78 -30.44 -10.09 12.19
N LEU A 79 -29.17 -10.49 11.92
CA LEU A 79 -28.49 -11.56 12.62
C LEU A 79 -28.39 -11.37 14.13
N PHE A 80 -28.06 -10.15 14.58
CA PHE A 80 -27.90 -9.83 16.00
C PHE A 80 -29.10 -9.14 16.61
N ARG A 81 -30.23 -9.06 15.86
CA ARG A 81 -31.48 -8.43 16.33
C ARG A 81 -31.91 -8.97 17.72
N ASP A 82 -31.87 -10.30 17.92
CA ASP A 82 -32.24 -10.99 19.17
C ASP A 82 -31.10 -11.20 20.14
N GLY A 83 -29.94 -10.60 19.89
CA GLY A 83 -28.79 -10.75 20.77
C GLY A 83 -27.58 -11.45 20.17
N VAL A 84 -26.52 -11.54 20.95
CA VAL A 84 -25.25 -12.16 20.57
C VAL A 84 -25.10 -13.53 21.24
N ASN A 85 -24.58 -14.50 20.49
CA ASN A 85 -24.19 -15.85 20.94
C ASN A 85 -23.04 -16.31 20.02
N TRP A 86 -22.28 -17.37 20.40
CA TRP A 86 -21.15 -17.83 19.59
C TRP A 86 -21.55 -18.29 18.17
N GLY A 87 -22.67 -18.99 18.05
CA GLY A 87 -23.20 -19.51 16.79
C GLY A 87 -23.47 -18.42 15.79
N ARG A 88 -24.07 -17.31 16.29
CA ARG A 88 -24.38 -16.10 15.50
C ARG A 88 -23.07 -15.40 15.09
N ILE A 89 -22.02 -15.44 15.96
CA ILE A 89 -20.70 -14.87 15.67
C ILE A 89 -20.05 -15.64 14.51
N VAL A 90 -20.14 -16.97 14.54
CA VAL A 90 -19.65 -17.84 13.47
C VAL A 90 -20.35 -17.48 12.12
N ALA A 91 -21.71 -17.34 12.15
CA ALA A 91 -22.54 -16.98 11.01
C ALA A 91 -22.13 -15.62 10.44
N PHE A 92 -21.73 -14.66 11.34
CA PHE A 92 -21.26 -13.32 10.99
C PHE A 92 -19.99 -13.42 10.15
N PHE A 93 -19.04 -14.26 10.57
CA PHE A 93 -17.80 -14.47 9.83
C PHE A 93 -18.08 -15.12 8.46
N SER A 94 -18.92 -16.17 8.45
CA SER A 94 -19.36 -16.90 7.25
CA SER A 94 -19.34 -16.88 7.24
C SER A 94 -20.02 -15.93 6.24
N PHE A 95 -20.87 -15.02 6.75
CA PHE A 95 -21.54 -14.02 5.93
C PHE A 95 -20.48 -13.09 5.29
N GLY A 96 -19.52 -12.59 6.09
CA GLY A 96 -18.44 -11.72 5.61
C GLY A 96 -17.69 -12.39 4.46
N GLY A 97 -17.37 -13.67 4.66
CA GLY A 97 -16.72 -14.54 3.68
C GLY A 97 -17.49 -14.58 2.37
N ALA A 98 -18.81 -14.88 2.46
CA ALA A 98 -19.71 -14.93 1.30
C ALA A 98 -19.79 -13.57 0.55
N LEU A 99 -19.88 -12.47 1.30
CA LEU A 99 -19.92 -11.11 0.75
C LEU A 99 -18.64 -10.80 -0.04
N CYS A 100 -17.45 -11.23 0.47
CA CYS A 100 -16.14 -11.06 -0.18
C CYS A 100 -16.06 -11.90 -1.46
N VAL A 101 -16.50 -13.17 -1.42
CA VAL A 101 -16.51 -14.07 -2.59
C VAL A 101 -17.35 -13.45 -3.73
N GLU A 102 -18.58 -13.01 -3.37
CA GLU A 102 -19.52 -12.38 -4.30
C GLU A 102 -18.90 -11.10 -4.92
N SER A 103 -18.24 -10.27 -4.10
CA SER A 103 -17.56 -9.06 -4.56
C SER A 103 -16.47 -9.40 -5.57
N VAL A 104 -15.69 -10.46 -5.30
CA VAL A 104 -14.65 -10.89 -6.25
C VAL A 104 -15.30 -11.43 -7.55
N ASP A 105 -16.42 -12.20 -7.45
CA ASP A 105 -17.18 -12.74 -8.57
C ASP A 105 -17.62 -11.60 -9.50
N LYS A 106 -18.07 -10.49 -8.92
CA LYS A 106 -18.54 -9.31 -9.65
C LYS A 106 -17.39 -8.36 -10.10
N GLU A 107 -16.12 -8.81 -9.99
CA GLU A 107 -14.92 -8.01 -10.35
C GLU A 107 -14.86 -6.71 -9.54
N MET A 108 -15.16 -6.83 -8.22
CA MET A 108 -15.20 -5.73 -7.26
C MET A 108 -14.41 -6.15 -6.04
N GLN A 109 -13.23 -6.75 -6.26
CA GLN A 109 -12.37 -7.19 -5.16
C GLN A 109 -11.99 -6.00 -4.23
N VAL A 110 -11.91 -4.75 -4.74
CA VAL A 110 -11.65 -3.56 -3.91
C VAL A 110 -12.59 -3.56 -2.67
N LEU A 111 -13.87 -4.02 -2.83
CA LEU A 111 -14.85 -4.09 -1.76
C LEU A 111 -14.44 -5.01 -0.59
N VAL A 112 -13.54 -5.98 -0.83
CA VAL A 112 -13.00 -6.91 0.17
C VAL A 112 -12.29 -6.13 1.32
N SER A 113 -11.54 -5.06 0.98
CA SER A 113 -10.85 -4.24 1.99
C SER A 113 -11.85 -3.49 2.85
N ARG A 114 -13.00 -3.14 2.28
CA ARG A 114 -14.07 -2.43 2.95
C ARG A 114 -14.80 -3.39 3.87
N ILE A 115 -15.22 -4.57 3.35
CA ILE A 115 -15.90 -5.60 4.13
C ILE A 115 -15.06 -5.97 5.37
N ALA A 116 -13.73 -6.22 5.17
CA ALA A 116 -12.81 -6.54 6.25
C ALA A 116 -12.83 -5.45 7.34
N ALA A 117 -12.88 -4.15 6.93
CA ALA A 117 -12.92 -3.02 7.89
C ALA A 117 -14.28 -2.98 8.64
N TRP A 118 -15.39 -3.21 7.93
CA TRP A 118 -16.73 -3.23 8.56
C TRP A 118 -16.83 -4.35 9.60
N MET A 119 -16.22 -5.52 9.29
CA MET A 119 -16.24 -6.69 10.16
C MET A 119 -15.44 -6.40 11.44
N ALA A 120 -14.20 -5.85 11.30
CA ALA A 120 -13.34 -5.48 12.42
C ALA A 120 -14.00 -4.40 13.27
N THR A 121 -14.64 -3.41 12.64
CA THR A 121 -15.38 -2.35 13.36
C THR A 121 -16.59 -2.92 14.12
N TYR A 122 -17.39 -3.78 13.49
CA TYR A 122 -18.55 -4.37 14.13
C TYR A 122 -18.14 -5.22 15.30
N LEU A 123 -17.10 -6.02 15.13
CA LEU A 123 -16.51 -6.85 16.16
C LEU A 123 -16.03 -6.00 17.34
N ASN A 124 -15.21 -4.97 17.07
CA ASN A 124 -14.69 -4.08 18.12
C ASN A 124 -15.79 -3.33 18.86
N ASP A 125 -16.74 -2.71 18.12
CA ASP A 125 -17.79 -1.86 18.69
C ASP A 125 -19.06 -2.56 19.20
N HIS A 126 -19.47 -3.67 18.57
CA HIS A 126 -20.74 -4.32 18.93
C HIS A 126 -20.62 -5.76 19.44
N LEU A 127 -19.51 -6.46 19.17
CA LEU A 127 -19.40 -7.86 19.60
C LEU A 127 -18.45 -8.08 20.76
N GLU A 128 -17.36 -7.29 20.84
CA GLU A 128 -16.32 -7.38 21.86
C GLU A 128 -16.84 -7.25 23.31
N PRO A 129 -17.85 -6.38 23.65
CA PRO A 129 -18.37 -6.39 25.04
C PRO A 129 -18.95 -7.74 25.46
N TRP A 130 -19.79 -8.37 24.61
CA TRP A 130 -20.37 -9.68 24.84
C TRP A 130 -19.26 -10.75 24.93
N ILE A 131 -18.32 -10.75 23.95
CA ILE A 131 -17.20 -11.70 23.85
C ILE A 131 -16.38 -11.77 25.13
N GLN A 132 -16.02 -10.62 25.69
CA GLN A 132 -15.20 -10.53 26.89
C GLN A 132 -15.94 -10.94 28.16
N GLU A 133 -17.24 -10.61 28.24
CA GLU A 133 -18.13 -10.95 29.33
C GLU A 133 -18.32 -12.46 29.43
N ASN A 134 -18.27 -13.17 28.28
CA ASN A 134 -18.54 -14.61 28.11
C ASN A 134 -17.31 -15.49 27.97
N GLY A 135 -16.18 -15.00 28.47
CA GLY A 135 -14.93 -15.75 28.55
C GLY A 135 -13.86 -15.46 27.53
N GLY A 136 -14.19 -14.64 26.54
CA GLY A 136 -13.27 -14.29 25.47
C GLY A 136 -13.19 -15.39 24.44
N TRP A 137 -12.32 -15.21 23.43
CA TRP A 137 -12.15 -16.17 22.33
C TRP A 137 -11.63 -17.54 22.79
N ASP A 138 -10.99 -17.61 23.98
CA ASP A 138 -10.51 -18.85 24.57
C ASP A 138 -11.67 -19.76 24.95
N THR A 139 -12.80 -19.16 25.40
CA THR A 139 -14.03 -19.88 25.75
C THR A 139 -14.67 -20.48 24.49
N PHE A 140 -14.68 -19.72 23.37
CA PHE A 140 -15.20 -20.26 22.11
C PHE A 140 -14.34 -21.50 21.74
N VAL A 141 -12.99 -21.37 21.81
CA VAL A 141 -12.04 -22.45 21.51
C VAL A 141 -12.38 -23.73 22.34
N GLU A 142 -12.64 -23.56 23.64
CA GLU A 142 -13.02 -24.64 24.56
C GLU A 142 -14.39 -25.23 24.17
N LEU A 143 -15.41 -24.37 23.88
CA LEU A 143 -16.75 -24.79 23.50
C LEU A 143 -16.76 -25.56 22.18
N TYR A 144 -16.03 -25.06 21.18
CA TYR A 144 -15.97 -25.70 19.87
C TYR A 144 -15.23 -27.05 19.89
N GLY A 145 -14.10 -27.12 20.61
CA GLY A 145 -13.28 -28.32 20.74
C GLY A 145 -13.58 -29.13 21.98
N MET B 6 -6.52 -5.13 20.99
CA MET B 6 -7.85 -5.71 20.77
C MET B 6 -8.37 -5.45 19.36
N SER B 7 -8.11 -4.24 18.83
CA SER B 7 -8.51 -3.79 17.49
C SER B 7 -7.68 -4.51 16.42
N GLN B 8 -6.34 -4.65 16.64
CA GLN B 8 -5.44 -5.33 15.71
C GLN B 8 -5.66 -6.86 15.70
N SER B 9 -6.04 -7.44 16.87
CA SER B 9 -6.33 -8.88 17.02
C SER B 9 -7.61 -9.27 16.21
N ASN B 10 -8.61 -8.39 16.26
CA ASN B 10 -9.87 -8.58 15.55
C ASN B 10 -9.64 -8.47 14.05
N ARG B 11 -8.74 -7.55 13.64
CA ARG B 11 -8.34 -7.33 12.26
C ARG B 11 -7.62 -8.60 11.76
N GLU B 12 -6.76 -9.19 12.60
CA GLU B 12 -6.04 -10.43 12.30
C GLU B 12 -6.99 -11.62 12.06
N LEU B 13 -8.03 -11.74 12.91
CA LEU B 13 -9.04 -12.79 12.79
C LEU B 13 -9.82 -12.63 11.49
N VAL B 14 -10.21 -11.37 11.18
CA VAL B 14 -10.96 -11.06 9.97
C VAL B 14 -10.16 -11.46 8.74
N VAL B 15 -8.89 -11.02 8.68
CA VAL B 15 -7.97 -11.27 7.57
C VAL B 15 -7.75 -12.76 7.39
N ASP B 16 -7.49 -13.49 8.48
CA ASP B 16 -7.30 -14.92 8.43
C ASP B 16 -8.52 -15.67 7.88
N PHE B 17 -9.70 -15.36 8.42
CA PHE B 17 -10.95 -16.01 7.99
C PHE B 17 -11.28 -15.69 6.53
N LEU B 18 -11.14 -14.42 6.14
CA LEU B 18 -11.44 -14.01 4.78
C LEU B 18 -10.48 -14.60 3.77
N SER B 19 -9.18 -14.71 4.13
CA SER B 19 -8.14 -15.33 3.30
C SER B 19 -8.53 -16.76 2.98
N TYR B 20 -9.02 -17.47 3.99
CA TYR B 20 -9.46 -18.86 3.94
C TYR B 20 -10.62 -19.04 2.97
N LYS B 21 -11.69 -18.23 3.15
CA LYS B 21 -12.91 -18.30 2.35
C LYS B 21 -12.65 -17.95 0.89
N LEU B 22 -11.75 -16.99 0.65
CA LEU B 22 -11.36 -16.61 -0.71
C LEU B 22 -10.60 -17.76 -1.39
N SER B 23 -9.64 -18.37 -0.67
CA SER B 23 -8.83 -19.49 -1.16
C SER B 23 -9.66 -20.73 -1.50
N GLN B 24 -10.81 -20.92 -0.83
CA GLN B 24 -11.71 -22.05 -1.11
C GLN B 24 -12.41 -21.92 -2.45
N LYS B 25 -12.48 -20.68 -2.97
CA LYS B 25 -13.12 -20.34 -4.26
C LYS B 25 -12.11 -20.03 -5.36
N GLY B 26 -10.83 -20.26 -5.09
CA GLY B 26 -9.74 -20.03 -6.02
C GLY B 26 -9.36 -18.57 -6.16
N TYR B 27 -9.65 -17.78 -5.12
CA TYR B 27 -9.33 -16.35 -5.04
C TYR B 27 -8.30 -16.20 -3.97
N SER B 28 -7.71 -15.01 -3.80
CA SER B 28 -6.74 -14.84 -2.70
C SER B 28 -6.79 -13.46 -2.12
N TRP B 29 -6.60 -13.38 -0.82
CA TRP B 29 -6.58 -12.12 -0.08
C TRP B 29 -5.36 -11.29 -0.54
N SER B 30 -4.20 -11.96 -0.72
CA SER B 30 -2.93 -11.40 -1.11
C SER B 30 -2.03 -12.50 -1.70
N GLN B 31 -0.92 -12.10 -2.30
CA GLN B 31 0.07 -13.00 -2.88
C GLN B 31 0.71 -13.86 -1.76
N MET B 32 0.94 -13.26 -0.57
CA MET B 32 1.44 -13.95 0.62
C MET B 32 0.45 -15.08 1.06
N ALA B 33 -0.87 -14.78 1.08
CA ALA B 33 -1.93 -15.76 1.41
C ALA B 33 -1.93 -16.92 0.39
N ALA B 34 -1.72 -16.63 -0.91
CA ALA B 34 -1.63 -17.69 -1.92
C ALA B 34 -0.35 -18.58 -1.68
N VAL B 35 0.78 -17.96 -1.27
CA VAL B 35 2.01 -18.70 -0.96
C VAL B 35 1.78 -19.63 0.25
N LYS B 36 1.22 -19.05 1.36
CA LYS B 36 0.91 -19.81 2.58
C LYS B 36 0.02 -21.02 2.27
N GLN B 37 -1.03 -20.82 1.44
CA GLN B 37 -1.97 -21.88 1.07
C GLN B 37 -1.32 -22.98 0.20
N ALA B 38 -0.57 -22.60 -0.86
CA ALA B 38 0.11 -23.58 -1.73
C ALA B 38 1.13 -24.44 -0.91
N LEU B 39 1.85 -23.82 0.05
CA LEU B 39 2.81 -24.51 0.91
C LEU B 39 2.13 -25.45 1.90
N ARG B 40 0.97 -25.04 2.47
CA ARG B 40 0.17 -25.87 3.38
C ARG B 40 -0.23 -27.17 2.67
N GLU B 41 -0.68 -27.04 1.41
CA GLU B 41 -1.13 -28.16 0.59
C GLU B 41 0.03 -29.02 0.11
N ALA B 42 1.14 -28.38 -0.31
CA ALA B 42 2.31 -29.12 -0.78
C ALA B 42 2.92 -29.96 0.35
N GLY B 43 2.86 -29.45 1.60
CA GLY B 43 3.32 -30.13 2.81
C GLY B 43 2.50 -31.40 3.03
N ASP B 44 1.15 -31.28 2.98
CA ASP B 44 0.20 -32.40 3.08
C ASP B 44 0.49 -33.46 2.04
N GLU B 45 0.69 -33.02 0.78
CA GLU B 45 0.97 -33.89 -0.36
C GLU B 45 2.27 -34.63 -0.16
N PHE B 46 3.34 -33.92 0.22
CA PHE B 46 4.63 -34.54 0.44
C PHE B 46 4.54 -35.61 1.52
N GLU B 47 3.86 -35.29 2.63
CA GLU B 47 3.70 -36.16 3.79
C GLU B 47 2.96 -37.44 3.44
N LEU B 48 2.03 -37.34 2.48
CA LEU B 48 1.25 -38.49 2.00
C LEU B 48 2.10 -39.33 1.03
N ARG B 49 2.67 -38.69 0.01
CA ARG B 49 3.49 -39.35 -1.02
C ARG B 49 4.74 -40.01 -0.46
N TYR B 50 5.42 -39.32 0.47
CA TYR B 50 6.65 -39.80 1.09
C TYR B 50 6.48 -40.11 2.58
N ARG B 51 5.38 -40.79 2.94
CA ARG B 51 5.09 -41.25 4.31
C ARG B 51 6.16 -42.23 4.79
N ARG B 52 6.68 -43.09 3.90
CA ARG B 52 7.72 -44.05 4.26
C ARG B 52 8.98 -43.35 4.75
N ALA B 53 9.49 -42.38 3.95
CA ALA B 53 10.66 -41.57 4.30
C ALA B 53 10.36 -40.75 5.54
N PHE B 54 9.11 -40.25 5.68
CA PHE B 54 8.65 -39.44 6.82
C PHE B 54 8.72 -40.26 8.08
N SER B 55 7.99 -41.35 8.11
CA SER B 55 7.89 -42.28 9.22
C SER B 55 9.24 -42.87 9.67
N ASP B 56 10.13 -43.22 8.72
CA ASP B 56 11.46 -43.74 9.04
C ASP B 56 12.30 -42.69 9.78
N LEU B 57 12.24 -41.43 9.33
CA LEU B 57 12.96 -40.31 9.94
C LEU B 57 12.39 -39.99 11.33
N THR B 58 11.03 -39.92 11.43
CA THR B 58 10.24 -39.62 12.63
C THR B 58 10.65 -40.50 13.81
N SER B 59 10.75 -41.83 13.61
CA SER B 59 11.12 -42.78 14.63
C SER B 59 12.54 -42.54 15.20
N GLN B 60 13.56 -42.36 14.32
CA GLN B 60 14.96 -42.13 14.71
C GLN B 60 15.22 -40.79 15.46
N LEU B 61 14.19 -39.94 15.59
CA LEU B 61 14.26 -38.64 16.24
C LEU B 61 13.87 -38.64 17.74
N HIS B 62 14.88 -38.42 18.61
CA HIS B 62 14.69 -38.24 20.05
C HIS B 62 15.13 -36.80 20.29
N ILE B 63 14.18 -35.97 20.71
CA ILE B 63 14.44 -34.55 20.86
C ILE B 63 14.67 -34.18 22.34
N THR B 64 15.66 -33.32 22.56
CA THR B 64 16.09 -32.77 23.83
C THR B 64 16.60 -31.38 23.44
N PRO B 65 16.55 -30.30 24.27
CA PRO B 65 17.17 -29.02 23.84
C PRO B 65 18.59 -29.17 23.26
N GLY B 66 19.43 -29.97 23.94
CA GLY B 66 20.81 -30.27 23.54
C GLY B 66 20.92 -30.88 22.16
N THR B 67 20.27 -32.05 21.97
CA THR B 67 20.30 -32.77 20.69
C THR B 67 19.35 -32.21 19.61
N ALA B 68 18.41 -31.31 19.97
CA ALA B 68 17.41 -30.73 19.06
C ALA B 68 17.99 -29.97 17.87
N TYR B 69 18.98 -29.10 18.11
CA TYR B 69 19.56 -28.32 17.02
C TYR B 69 20.38 -29.17 16.05
N GLN B 70 21.21 -30.08 16.61
CA GLN B 70 22.07 -30.99 15.87
C GLN B 70 21.24 -31.88 14.97
N SER B 71 20.11 -32.40 15.50
CA SER B 71 19.12 -33.19 14.74
C SER B 71 18.60 -32.38 13.55
N PHE B 72 18.25 -31.10 13.77
CA PHE B 72 17.78 -30.21 12.71
C PHE B 72 18.88 -30.02 11.63
N GLU B 73 20.10 -29.62 12.05
CA GLU B 73 21.23 -29.34 11.17
C GLU B 73 21.68 -30.60 10.37
N GLN B 74 21.81 -31.79 11.01
CA GLN B 74 22.19 -33.03 10.35
C GLN B 74 21.24 -33.38 9.21
N VAL B 75 19.92 -33.30 9.47
CA VAL B 75 18.86 -33.63 8.51
C VAL B 75 18.78 -32.61 7.38
N VAL B 76 18.82 -31.33 7.72
CA VAL B 76 18.74 -30.23 6.75
C VAL B 76 19.97 -30.26 5.81
N ASN B 77 21.18 -30.50 6.37
CA ASN B 77 22.42 -30.58 5.59
C ASN B 77 22.40 -31.76 4.62
N GLU B 78 21.88 -32.92 5.06
CA GLU B 78 21.73 -34.11 4.23
C GLU B 78 20.69 -33.84 3.13
N LEU B 79 19.57 -33.15 3.47
CA LEU B 79 18.50 -32.80 2.54
C LEU B 79 18.95 -31.92 1.38
N PHE B 80 19.75 -30.87 1.65
CA PHE B 80 20.22 -29.97 0.60
C PHE B 80 21.69 -30.26 0.18
N ARG B 81 22.22 -31.47 0.53
CA ARG B 81 23.59 -31.89 0.16
C ARG B 81 23.80 -31.82 -1.37
N ASP B 82 22.80 -32.30 -2.15
CA ASP B 82 22.82 -32.33 -3.61
C ASP B 82 22.19 -31.09 -4.28
N GLY B 83 21.90 -30.06 -3.48
CA GLY B 83 21.34 -28.82 -3.98
C GLY B 83 19.91 -28.51 -3.53
N VAL B 84 19.43 -27.35 -3.96
CA VAL B 84 18.09 -26.85 -3.63
C VAL B 84 17.18 -27.04 -4.84
N ASN B 85 15.93 -27.43 -4.57
CA ASN B 85 14.82 -27.56 -5.51
C ASN B 85 13.52 -27.32 -4.71
N TRP B 86 12.40 -27.03 -5.38
CA TRP B 86 11.13 -26.77 -4.69
C TRP B 86 10.64 -27.94 -3.81
N GLY B 87 10.76 -29.17 -4.30
CA GLY B 87 10.37 -30.39 -3.59
C GLY B 87 11.10 -30.55 -2.27
N ARG B 88 12.41 -30.28 -2.28
CA ARG B 88 13.28 -30.33 -1.10
C ARG B 88 12.91 -29.22 -0.12
N ILE B 89 12.50 -28.03 -0.63
CA ILE B 89 12.03 -26.90 0.19
C ILE B 89 10.74 -27.31 0.93
N VAL B 90 9.80 -27.97 0.23
CA VAL B 90 8.56 -28.47 0.81
C VAL B 90 8.88 -29.45 1.95
N ALA B 91 9.76 -30.43 1.66
CA ALA B 91 10.25 -31.46 2.59
C ALA B 91 10.93 -30.85 3.82
N PHE B 92 11.61 -29.67 3.65
CA PHE B 92 12.26 -28.88 4.72
C PHE B 92 11.20 -28.39 5.67
N PHE B 93 10.09 -27.83 5.12
CA PHE B 93 8.97 -27.33 5.91
C PHE B 93 8.32 -28.48 6.67
N SER B 94 8.05 -29.61 5.96
CA SER B 94 7.48 -30.84 6.54
CA SER B 94 7.47 -30.82 6.55
C SER B 94 8.34 -31.37 7.70
N PHE B 95 9.67 -31.35 7.53
CA PHE B 95 10.61 -31.78 8.58
C PHE B 95 10.49 -30.89 9.81
N GLY B 96 10.45 -29.56 9.61
CA GLY B 96 10.26 -28.57 10.67
C GLY B 96 8.97 -28.79 11.44
N GLY B 97 7.91 -29.10 10.70
CA GLY B 97 6.59 -29.43 11.22
C GLY B 97 6.62 -30.67 12.09
N ALA B 98 7.26 -31.76 11.61
CA ALA B 98 7.40 -33.02 12.36
C ALA B 98 8.17 -32.80 13.66
N LEU B 99 9.32 -32.09 13.58
CA LEU B 99 10.17 -31.75 14.72
C LEU B 99 9.37 -31.00 15.78
N CYS B 100 8.41 -30.14 15.34
CA CYS B 100 7.53 -29.34 16.20
C CYS B 100 6.48 -30.18 16.91
N VAL B 101 5.69 -31.00 16.16
CA VAL B 101 4.67 -31.86 16.76
C VAL B 101 5.32 -32.89 17.74
N GLU B 102 6.56 -33.37 17.44
CA GLU B 102 7.32 -34.30 18.29
C GLU B 102 7.64 -33.67 19.64
N SER B 103 8.10 -32.40 19.62
CA SER B 103 8.41 -31.61 20.80
C SER B 103 7.15 -31.45 21.69
N VAL B 104 5.98 -31.14 21.09
CA VAL B 104 4.72 -31.00 21.84
C VAL B 104 4.25 -32.36 22.42
N ASP B 105 4.43 -33.49 21.66
CA ASP B 105 4.09 -34.85 22.11
C ASP B 105 4.85 -35.13 23.40
N LYS B 106 6.16 -34.80 23.42
CA LYS B 106 7.09 -35.05 24.53
C LYS B 106 7.07 -33.96 25.61
N GLU B 107 6.04 -33.09 25.63
CA GLU B 107 5.88 -32.01 26.62
C GLU B 107 7.12 -31.08 26.61
N MET B 108 7.53 -30.68 25.40
CA MET B 108 8.70 -29.83 25.13
C MET B 108 8.31 -28.66 24.23
N GLN B 109 7.21 -27.98 24.60
CA GLN B 109 6.58 -26.82 23.96
C GLN B 109 7.52 -25.60 23.80
N VAL B 110 8.61 -25.54 24.61
CA VAL B 110 9.63 -24.49 24.59
C VAL B 110 10.41 -24.50 23.27
N LEU B 111 10.67 -25.70 22.76
CA LEU B 111 11.43 -25.96 21.54
C LEU B 111 10.76 -25.51 20.26
N VAL B 112 9.41 -25.35 20.26
CA VAL B 112 8.59 -24.95 19.10
C VAL B 112 9.11 -23.64 18.50
N SER B 113 9.28 -22.65 19.38
CA SER B 113 9.74 -21.29 19.09
C SER B 113 11.17 -21.30 18.55
N ARG B 114 11.99 -22.26 19.00
CA ARG B 114 13.39 -22.44 18.61
C ARG B 114 13.51 -23.01 17.21
N ILE B 115 12.79 -24.12 16.94
CA ILE B 115 12.72 -24.78 15.64
C ILE B 115 12.32 -23.71 14.58
N ALA B 116 11.25 -22.94 14.88
CA ALA B 116 10.76 -21.86 14.01
C ALA B 116 11.86 -20.86 13.67
N ALA B 117 12.69 -20.47 14.66
CA ALA B 117 13.82 -19.56 14.44
C ALA B 117 14.95 -20.20 13.56
N TRP B 118 15.30 -21.48 13.78
CA TRP B 118 16.28 -22.19 12.95
C TRP B 118 15.79 -22.33 11.50
N MET B 119 14.48 -22.58 11.32
CA MET B 119 13.87 -22.67 9.99
C MET B 119 13.93 -21.34 9.26
N ALA B 120 13.49 -20.23 9.92
CA ALA B 120 13.49 -18.88 9.35
C ALA B 120 14.89 -18.45 8.98
N THR B 121 15.87 -18.75 9.85
CA THR B 121 17.28 -18.42 9.60
C THR B 121 17.80 -19.18 8.40
N TYR B 122 17.57 -20.51 8.35
CA TYR B 122 18.02 -21.34 7.23
C TYR B 122 17.41 -20.87 5.91
N LEU B 123 16.12 -20.56 5.92
CA LEU B 123 15.36 -20.07 4.77
C LEU B 123 15.97 -18.73 4.29
N ASN B 124 16.14 -17.78 5.22
CA ASN B 124 16.69 -16.46 4.90
C ASN B 124 18.13 -16.53 4.39
N ASP B 125 19.00 -17.28 5.08
CA ASP B 125 20.43 -17.35 4.76
C ASP B 125 20.84 -18.37 3.70
N HIS B 126 20.18 -19.53 3.60
CA HIS B 126 20.61 -20.58 2.67
C HIS B 126 19.60 -20.94 1.56
N LEU B 127 18.31 -20.59 1.70
CA LEU B 127 17.33 -20.94 0.67
C LEU B 127 16.86 -19.76 -0.20
N GLU B 128 16.75 -18.56 0.39
CA GLU B 128 16.31 -17.33 -0.27
C GLU B 128 17.15 -16.96 -1.55
N PRO B 129 18.50 -17.16 -1.62
CA PRO B 129 19.21 -16.84 -2.88
C PRO B 129 18.74 -17.70 -4.06
N TRP B 130 18.51 -19.02 -3.84
CA TRP B 130 18.02 -19.95 -4.87
C TRP B 130 16.59 -19.51 -5.30
N ILE B 131 15.70 -19.31 -4.31
CA ILE B 131 14.30 -18.89 -4.47
C ILE B 131 14.22 -17.64 -5.36
N GLN B 132 14.98 -16.57 -5.04
CA GLN B 132 14.95 -15.33 -5.82
C GLN B 132 15.50 -15.51 -7.25
N GLU B 133 16.41 -16.47 -7.43
CA GLU B 133 17.02 -16.80 -8.71
C GLU B 133 16.25 -17.93 -9.44
N ASN B 134 15.07 -18.31 -8.93
CA ASN B 134 14.19 -19.31 -9.51
C ASN B 134 12.72 -18.83 -9.59
N GLY B 135 12.54 -17.51 -9.59
CA GLY B 135 11.24 -16.84 -9.77
C GLY B 135 10.50 -16.39 -8.52
N GLY B 136 11.03 -16.73 -7.35
CA GLY B 136 10.43 -16.40 -6.07
C GLY B 136 9.32 -17.35 -5.71
N TRP B 137 8.65 -17.09 -4.59
CA TRP B 137 7.54 -17.91 -4.11
C TRP B 137 6.32 -17.91 -5.08
N ASP B 138 6.20 -16.88 -5.95
CA ASP B 138 5.12 -16.79 -6.95
C ASP B 138 5.27 -17.90 -7.99
N THR B 139 6.52 -18.25 -8.34
CA THR B 139 6.82 -19.33 -9.28
C THR B 139 6.43 -20.67 -8.64
N PHE B 140 6.70 -20.83 -7.32
CA PHE B 140 6.30 -22.02 -6.59
C PHE B 140 4.77 -22.20 -6.66
N VAL B 141 4.01 -21.12 -6.37
CA VAL B 141 2.55 -21.08 -6.43
C VAL B 141 2.06 -21.56 -7.84
N GLU B 142 2.67 -21.01 -8.91
CA GLU B 142 2.34 -21.35 -10.30
C GLU B 142 2.65 -22.81 -10.63
N LEU B 143 3.84 -23.30 -10.21
CA LEU B 143 4.28 -24.69 -10.45
C LEU B 143 3.40 -25.69 -9.71
N TYR B 144 3.06 -25.40 -8.44
CA TYR B 144 2.23 -26.28 -7.63
C TYR B 144 0.78 -26.36 -8.14
N GLY B 145 0.20 -25.22 -8.53
CA GLY B 145 -1.17 -25.14 -9.04
C GLY B 145 -1.25 -25.13 -10.54
N MET C 6 5.05 26.74 -26.37
CA MET C 6 6.45 26.63 -25.94
C MET C 6 6.83 27.70 -24.89
N SER C 7 6.33 28.94 -25.08
CA SER C 7 6.57 30.07 -24.19
C SER C 7 5.81 29.91 -22.88
N GLN C 8 4.54 29.44 -22.95
CA GLN C 8 3.73 29.22 -21.76
C GLN C 8 4.16 27.97 -20.99
N SER C 9 4.74 26.95 -21.68
CA SER C 9 5.25 25.72 -21.06
C SER C 9 6.51 26.04 -20.23
N ASN C 10 7.37 26.95 -20.74
CA ASN C 10 8.58 27.38 -20.07
C ASN C 10 8.21 28.19 -18.82
N ARG C 11 7.14 29.01 -18.93
CA ARG C 11 6.61 29.82 -17.84
C ARG C 11 6.08 28.89 -16.74
N GLU C 12 5.39 27.80 -17.15
CA GLU C 12 4.88 26.78 -16.27
C GLU C 12 5.98 26.06 -15.50
N LEU C 13 7.09 25.71 -16.18
CA LEU C 13 8.25 25.06 -15.57
C LEU C 13 8.89 25.99 -14.53
N VAL C 14 9.04 27.30 -14.86
CA VAL C 14 9.60 28.30 -13.95
C VAL C 14 8.74 28.35 -12.66
N VAL C 15 7.41 28.50 -12.83
CA VAL C 15 6.45 28.59 -11.73
C VAL C 15 6.46 27.32 -10.88
N ASP C 16 6.48 26.16 -11.52
CA ASP C 16 6.49 24.88 -10.81
C ASP C 16 7.76 24.71 -9.97
N PHE C 17 8.93 25.01 -10.55
CA PHE C 17 10.21 24.88 -9.88
C PHE C 17 10.30 25.87 -8.72
N LEU C 18 9.89 27.12 -8.95
CA LEU C 18 9.97 28.14 -7.90
C LEU C 18 9.02 27.84 -6.75
N SER C 19 7.82 27.31 -7.05
CA SER C 19 6.82 26.92 -6.05
C SER C 19 7.40 25.87 -5.13
N TYR C 20 8.12 24.91 -5.71
CA TYR C 20 8.78 23.81 -5.03
C TYR C 20 9.85 24.29 -4.07
N LYS C 21 10.79 25.12 -4.55
CA LYS C 21 11.89 25.66 -3.76
C LYS C 21 11.40 26.54 -2.59
N LEU C 22 10.31 27.30 -2.83
CA LEU C 22 9.73 28.14 -1.80
C LEU C 22 9.08 27.26 -0.71
N SER C 23 8.34 26.21 -1.13
CA SER C 23 7.66 25.27 -0.23
C SER C 23 8.64 24.48 0.66
N GLN C 24 9.88 24.26 0.19
CA GLN C 24 10.93 23.54 0.94
C GLN C 24 11.40 24.34 2.13
N LYS C 25 11.20 25.69 2.08
CA LYS C 25 11.60 26.65 3.12
C LYS C 25 10.40 27.19 3.91
N GLY C 26 9.22 26.59 3.71
CA GLY C 26 7.99 26.99 4.39
C GLY C 26 7.38 28.27 3.87
N TYR C 27 7.65 28.60 2.60
CA TYR C 27 7.14 29.77 1.90
C TYR C 27 6.22 29.24 0.80
N SER C 28 5.49 30.13 0.12
CA SER C 28 4.64 29.69 -0.99
C SER C 28 4.63 30.70 -2.11
N TRP C 29 4.55 30.18 -3.34
CA TRP C 29 4.49 30.97 -4.56
C TRP C 29 3.18 31.76 -4.58
N SER C 30 2.07 31.09 -4.18
CA SER C 30 0.71 31.62 -4.18
C SER C 30 -0.15 30.85 -3.18
N GLN C 31 -1.40 31.32 -2.95
CA GLN C 31 -2.40 30.67 -2.10
C GLN C 31 -2.70 29.28 -2.65
N MET C 32 -2.83 29.15 -4.00
CA MET C 32 -3.06 27.89 -4.72
C MET C 32 -1.93 26.89 -4.49
N ALA C 33 -0.67 27.35 -4.59
CA ALA C 33 0.51 26.51 -4.35
C ALA C 33 0.53 26.04 -2.88
N ALA C 34 0.07 26.90 -1.94
CA ALA C 34 0.01 26.55 -0.51
C ALA C 34 -1.05 25.46 -0.30
N VAL C 35 -2.19 25.51 -1.04
CA VAL C 35 -3.25 24.51 -0.97
C VAL C 35 -2.73 23.18 -1.54
N LYS C 36 -2.11 23.22 -2.74
CA LYS C 36 -1.53 22.04 -3.41
C LYS C 36 -0.54 21.32 -2.49
N GLN C 37 0.34 22.09 -1.86
CA GLN C 37 1.36 21.56 -0.95
C GLN C 37 0.77 20.95 0.33
N ALA C 38 -0.17 21.65 0.99
CA ALA C 38 -0.83 21.13 2.21
C ALA C 38 -1.57 19.80 1.91
N LEU C 39 -2.23 19.70 0.76
CA LEU C 39 -2.96 18.51 0.35
C LEU C 39 -2.01 17.35 0.00
N ARG C 40 -0.85 17.65 -0.63
CA ARG C 40 0.19 16.64 -0.97
C ARG C 40 0.69 16.00 0.34
N GLU C 41 0.97 16.85 1.34
CA GLU C 41 1.44 16.42 2.65
C GLU C 41 0.36 15.73 3.46
N ALA C 42 -0.89 16.25 3.46
CA ALA C 42 -1.99 15.64 4.21
C ALA C 42 -2.29 14.23 3.67
N GLY C 43 -2.15 14.03 2.36
CA GLY C 43 -2.32 12.75 1.68
C GLY C 43 -1.28 11.75 2.17
N ASP C 44 0.01 12.16 2.18
CA ASP C 44 1.14 11.37 2.70
C ASP C 44 0.92 10.99 4.16
N GLU C 45 0.47 11.97 4.98
CA GLU C 45 0.20 11.78 6.41
C GLU C 45 -0.94 10.79 6.62
N PHE C 46 -2.09 10.97 5.91
CA PHE C 46 -3.22 10.07 6.01
C PHE C 46 -2.78 8.63 5.65
N GLU C 47 -1.97 8.48 4.58
CA GLU C 47 -1.49 7.18 4.09
C GLU C 47 -0.55 6.49 5.07
N LEU C 48 0.22 7.29 5.83
CA LEU C 48 1.13 6.77 6.85
C LEU C 48 0.36 6.41 8.13
N ARG C 49 -0.52 7.30 8.64
CA ARG C 49 -1.32 7.09 9.86
C ARG C 49 -2.35 5.97 9.69
N TYR C 50 -2.97 5.87 8.50
CA TYR C 50 -3.99 4.85 8.19
C TYR C 50 -3.45 3.87 7.16
N ARG C 51 -2.21 3.42 7.42
CA ARG C 51 -1.41 2.46 6.64
C ARG C 51 -2.17 1.17 6.36
N ARG C 52 -2.92 0.63 7.37
CA ARG C 52 -3.70 -0.60 7.26
C ARG C 52 -4.84 -0.40 6.26
N ALA C 53 -5.70 0.62 6.47
CA ALA C 53 -6.81 0.93 5.57
C ALA C 53 -6.29 1.16 4.14
N PHE C 54 -5.18 1.95 4.02
CA PHE C 54 -4.58 2.28 2.73
C PHE C 54 -4.02 1.06 2.01
N SER C 55 -3.21 0.26 2.74
CA SER C 55 -2.56 -0.94 2.24
C SER C 55 -3.58 -2.04 1.89
N ASP C 56 -4.69 -2.18 2.66
CA ASP C 56 -5.74 -3.17 2.33
C ASP C 56 -6.41 -2.83 1.04
N LEU C 57 -6.69 -1.53 0.83
CA LEU C 57 -7.31 -1.05 -0.39
C LEU C 57 -6.47 -1.24 -1.64
N THR C 58 -5.18 -0.82 -1.61
CA THR C 58 -4.28 -0.91 -2.79
C THR C 58 -4.03 -2.36 -3.17
N SER C 59 -4.00 -3.24 -2.18
CA SER C 59 -3.85 -4.68 -2.35
C SER C 59 -5.15 -5.35 -2.87
N GLN C 60 -6.34 -4.97 -2.35
CA GLN C 60 -7.60 -5.55 -2.82
C GLN C 60 -8.05 -5.00 -4.14
N LEU C 61 -7.53 -3.83 -4.53
CA LEU C 61 -7.87 -3.20 -5.83
C LEU C 61 -7.32 -4.05 -6.98
N HIS C 62 -8.21 -4.64 -7.79
CA HIS C 62 -7.85 -5.39 -9.00
C HIS C 62 -8.73 -4.73 -10.04
N ILE C 63 -8.32 -3.55 -10.48
CA ILE C 63 -9.15 -2.75 -11.37
C ILE C 63 -9.34 -3.35 -12.80
N THR C 64 -10.54 -3.15 -13.31
CA THR C 64 -10.95 -3.47 -14.67
C THR C 64 -11.66 -2.24 -15.21
N PRO C 65 -11.61 -1.99 -16.52
CA PRO C 65 -12.33 -0.84 -17.08
C PRO C 65 -13.85 -0.88 -16.79
N GLY C 66 -14.44 -2.06 -16.94
CA GLY C 66 -15.85 -2.31 -16.71
C GLY C 66 -16.41 -2.01 -15.33
N THR C 67 -15.58 -2.14 -14.27
CA THR C 67 -16.03 -1.87 -12.89
C THR C 67 -15.32 -0.65 -12.20
N ALA C 68 -14.45 0.08 -12.92
CA ALA C 68 -13.71 1.25 -12.40
C ALA C 68 -14.64 2.31 -11.77
N TYR C 69 -15.71 2.74 -12.51
CA TYR C 69 -16.65 3.75 -12.03
C TYR C 69 -17.41 3.27 -10.83
N GLN C 70 -17.94 2.01 -10.90
CA GLN C 70 -18.66 1.29 -9.83
C GLN C 70 -17.79 1.25 -8.54
N SER C 71 -16.51 0.93 -8.67
CA SER C 71 -15.53 0.90 -7.56
C SER C 71 -15.37 2.33 -6.95
N PHE C 72 -15.21 3.33 -7.79
CA PHE C 72 -15.07 4.73 -7.37
C PHE C 72 -16.33 5.17 -6.57
N GLU C 73 -17.51 4.93 -7.12
CA GLU C 73 -18.79 5.36 -6.56
C GLU C 73 -19.12 4.70 -5.21
N GLN C 74 -19.05 3.35 -5.09
CA GLN C 74 -19.34 2.67 -3.83
C GLN C 74 -18.38 3.15 -2.70
N VAL C 75 -17.08 3.33 -3.00
CA VAL C 75 -16.11 3.76 -1.98
C VAL C 75 -16.35 5.23 -1.58
N VAL C 76 -16.52 6.10 -2.57
CA VAL C 76 -16.74 7.53 -2.33
C VAL C 76 -18.07 7.77 -1.58
N ASN C 77 -19.14 7.08 -1.98
CA ASN C 77 -20.44 7.18 -1.32
C ASN C 77 -20.37 6.73 0.13
N GLU C 78 -19.67 5.59 0.40
CA GLU C 78 -19.43 5.10 1.76
C GLU C 78 -18.63 6.14 2.56
N LEU C 79 -17.57 6.70 1.96
CA LEU C 79 -16.72 7.71 2.60
C LEU C 79 -17.48 8.94 3.09
N PHE C 80 -18.38 9.48 2.27
CA PHE C 80 -19.12 10.69 2.62
C PHE C 80 -20.57 10.40 3.13
N ARG C 81 -20.90 9.12 3.40
CA ARG C 81 -22.22 8.66 3.90
C ARG C 81 -22.67 9.45 5.15
N ASP C 82 -21.76 9.64 6.13
CA ASP C 82 -22.05 10.36 7.38
C ASP C 82 -21.72 11.86 7.33
N GLY C 83 -21.44 12.39 6.13
CA GLY C 83 -21.13 13.80 5.98
C GLY C 83 -19.72 14.13 5.52
N VAL C 84 -19.46 15.43 5.35
CA VAL C 84 -18.18 15.93 4.87
C VAL C 84 -17.37 16.54 6.02
N ASN C 85 -16.06 16.29 6.01
CA ASN C 85 -15.06 16.87 6.91
C ASN C 85 -13.74 16.88 6.13
N TRP C 86 -12.74 17.68 6.58
CA TRP C 86 -11.46 17.79 5.89
C TRP C 86 -10.71 16.46 5.76
N GLY C 87 -10.69 15.67 6.85
CA GLY C 87 -10.05 14.36 6.92
C GLY C 87 -10.55 13.41 5.84
N ARG C 88 -11.89 13.36 5.66
CA ARG C 88 -12.58 12.55 4.66
C ARG C 88 -12.23 13.06 3.24
N ILE C 89 -12.09 14.40 3.07
CA ILE C 89 -11.69 15.01 1.79
C ILE C 89 -10.27 14.55 1.41
N VAL C 90 -9.35 14.57 2.40
CA VAL C 90 -7.97 14.08 2.22
C VAL C 90 -7.98 12.62 1.75
N ALA C 91 -8.79 11.75 2.45
CA ALA C 91 -8.97 10.32 2.16
C ALA C 91 -9.48 10.11 0.74
N PHE C 92 -10.40 10.99 0.29
CA PHE C 92 -10.97 10.99 -1.06
C PHE C 92 -9.85 11.17 -2.10
N PHE C 93 -8.96 12.13 -1.88
CA PHE C 93 -7.83 12.39 -2.77
C PHE C 93 -6.90 11.17 -2.79
N SER C 94 -6.54 10.65 -1.61
CA SER C 94 -5.70 9.45 -1.48
C SER C 94 -6.30 8.24 -2.20
N PHE C 95 -7.64 8.06 -2.10
CA PHE C 95 -8.34 6.99 -2.81
C PHE C 95 -8.21 7.14 -4.34
N GLY C 96 -8.43 8.36 -4.83
CA GLY C 96 -8.26 8.67 -6.24
C GLY C 96 -6.87 8.34 -6.73
N GLY C 97 -5.87 8.76 -5.94
CA GLY C 97 -4.45 8.48 -6.16
C GLY C 97 -4.18 6.99 -6.30
N ALA C 98 -4.68 6.19 -5.33
CA ALA C 98 -4.53 4.72 -5.34
C ALA C 98 -5.16 4.09 -6.60
N LEU C 99 -6.37 4.55 -6.98
CA LEU C 99 -7.08 4.09 -8.17
C LEU C 99 -6.21 4.35 -9.44
N CYS C 100 -5.55 5.52 -9.52
CA CYS C 100 -4.67 5.90 -10.64
C CYS C 100 -3.41 5.04 -10.70
N VAL C 101 -2.76 4.78 -9.54
CA VAL C 101 -1.55 3.97 -9.46
C VAL C 101 -1.83 2.53 -9.94
N GLU C 102 -2.92 1.96 -9.43
CA GLU C 102 -3.42 0.64 -9.77
C GLU C 102 -3.70 0.55 -11.29
N SER C 103 -4.35 1.58 -11.85
CA SER C 103 -4.66 1.64 -13.28
C SER C 103 -3.41 1.61 -14.11
N VAL C 104 -2.39 2.37 -13.71
CA VAL C 104 -1.12 2.39 -14.43
C VAL C 104 -0.39 1.02 -14.29
N ASP C 105 -0.43 0.41 -13.08
CA ASP C 105 0.15 -0.93 -12.82
C ASP C 105 -0.41 -1.96 -13.80
N LYS C 106 -1.73 -1.91 -14.02
CA LYS C 106 -2.47 -2.81 -14.89
C LYS C 106 -2.48 -2.41 -16.36
N GLU C 107 -1.60 -1.44 -16.77
CA GLU C 107 -1.47 -0.94 -18.15
C GLU C 107 -2.85 -0.41 -18.66
N MET C 108 -3.50 0.37 -17.79
CA MET C 108 -4.80 0.97 -18.05
C MET C 108 -4.72 2.46 -17.75
N GLN C 109 -3.68 3.15 -18.28
CA GLN C 109 -3.43 4.61 -18.15
C GLN C 109 -4.63 5.40 -18.58
N VAL C 110 -5.35 4.92 -19.60
CA VAL C 110 -6.55 5.60 -20.08
C VAL C 110 -7.51 5.92 -18.90
N LEU C 111 -7.60 5.01 -17.94
CA LEU C 111 -8.48 5.21 -16.79
C LEU C 111 -8.12 6.43 -15.88
N VAL C 112 -6.83 6.84 -15.84
CA VAL C 112 -6.32 7.98 -15.05
C VAL C 112 -7.07 9.28 -15.38
N SER C 113 -7.27 9.53 -16.69
CA SER C 113 -7.97 10.70 -17.19
C SER C 113 -9.44 10.66 -16.77
N ARG C 114 -10.04 9.44 -16.69
CA ARG C 114 -11.44 9.22 -16.25
C ARG C 114 -11.59 9.45 -14.76
N ILE C 115 -10.68 8.89 -13.98
CA ILE C 115 -10.66 9.04 -12.51
C ILE C 115 -10.55 10.52 -12.16
N ALA C 116 -9.60 11.24 -12.81
CA ALA C 116 -9.43 12.69 -12.60
C ALA C 116 -10.74 13.43 -12.85
N ALA C 117 -11.49 13.07 -13.92
CA ALA C 117 -12.80 13.70 -14.23
C ALA C 117 -13.87 13.36 -13.17
N TRP C 118 -13.92 12.11 -12.70
CA TRP C 118 -14.90 11.72 -11.66
C TRP C 118 -14.64 12.48 -10.36
N MET C 119 -13.36 12.66 -10.01
CA MET C 119 -12.91 13.37 -8.82
C MET C 119 -13.30 14.84 -8.88
N ALA C 120 -13.02 15.53 -10.03
CA ALA C 120 -13.36 16.92 -10.27
C ALA C 120 -14.88 17.15 -10.22
N THR C 121 -15.67 16.23 -10.85
CA THR C 121 -17.15 16.28 -10.81
C THR C 121 -17.67 16.10 -9.36
N TYR C 122 -17.11 15.15 -8.59
CA TYR C 122 -17.55 14.92 -7.21
C TYR C 122 -17.23 16.12 -6.33
N LEU C 123 -16.03 16.66 -6.49
CA LEU C 123 -15.57 17.84 -5.78
C LEU C 123 -16.47 19.04 -6.06
N ASN C 124 -16.70 19.35 -7.35
CA ASN C 124 -17.54 20.47 -7.75
C ASN C 124 -18.98 20.33 -7.31
N ASP C 125 -19.59 19.14 -7.52
CA ASP C 125 -21.01 18.90 -7.21
C ASP C 125 -21.37 18.49 -5.78
N HIS C 126 -20.49 17.77 -5.08
CA HIS C 126 -20.82 17.25 -3.75
C HIS C 126 -19.95 17.75 -2.62
N LEU C 127 -18.75 18.25 -2.92
CA LEU C 127 -17.88 18.69 -1.84
C LEU C 127 -17.76 20.21 -1.69
N GLU C 128 -17.75 20.96 -2.82
CA GLU C 128 -17.61 22.42 -2.87
C GLU C 128 -18.65 23.18 -1.99
N PRO C 129 -19.96 22.79 -1.87
CA PRO C 129 -20.85 23.53 -0.96
C PRO C 129 -20.37 23.49 0.50
N TRP C 130 -19.82 22.33 0.96
CA TRP C 130 -19.26 22.21 2.31
C TRP C 130 -17.99 23.03 2.41
N ILE C 131 -17.08 22.89 1.40
CA ILE C 131 -15.81 23.62 1.35
C ILE C 131 -16.04 25.14 1.53
N GLN C 132 -17.01 25.74 0.79
CA GLN C 132 -17.31 27.17 0.84
C GLN C 132 -17.95 27.61 2.15
N GLU C 133 -18.74 26.71 2.77
CA GLU C 133 -19.40 26.94 4.04
C GLU C 133 -18.39 26.85 5.20
N ASN C 134 -17.30 26.09 5.02
CA ASN C 134 -16.32 25.82 6.08
C ASN C 134 -14.99 26.56 5.94
N GLY C 135 -15.03 27.69 5.26
CA GLY C 135 -13.90 28.61 5.10
C GLY C 135 -13.07 28.53 3.84
N GLY C 136 -13.38 27.54 2.98
CA GLY C 136 -12.66 27.32 1.73
C GLY C 136 -11.36 26.59 1.97
N TRP C 137 -10.58 26.38 0.89
CA TRP C 137 -9.30 25.68 0.98
C TRP C 137 -8.25 26.40 1.85
N ASP C 138 -8.41 27.73 2.03
CA ASP C 138 -7.55 28.56 2.88
C ASP C 138 -7.64 28.11 4.34
N THR C 139 -8.86 27.74 4.79
CA THR C 139 -9.11 27.21 6.13
C THR C 139 -8.43 25.85 6.31
N PHE C 140 -8.49 24.97 5.28
CA PHE C 140 -7.83 23.67 5.31
C PHE C 140 -6.32 23.89 5.52
N VAL C 141 -5.69 24.80 4.72
CA VAL C 141 -4.27 25.16 4.83
C VAL C 141 -3.93 25.57 6.28
N GLU C 142 -4.73 26.52 6.86
CA GLU C 142 -4.55 26.99 8.23
C GLU C 142 -4.68 25.85 9.25
N LEU C 143 -5.70 24.97 9.10
CA LEU C 143 -5.92 23.83 9.98
C LEU C 143 -4.78 22.82 9.91
N TYR C 144 -4.32 22.51 8.69
CA TYR C 144 -3.21 21.57 8.48
C TYR C 144 -1.86 22.10 8.99
N GLY C 145 -1.56 23.37 8.74
CA GLY C 145 -0.31 24.00 9.15
C GLY C 145 0.74 24.06 8.06
N MET D 6 -13.72 28.54 -8.88
CA MET D 6 -13.85 27.48 -7.88
C MET D 6 -13.83 26.08 -8.52
N SER D 7 -14.46 25.93 -9.69
CA SER D 7 -14.52 24.67 -10.46
C SER D 7 -13.17 24.34 -11.08
N GLN D 8 -12.48 25.36 -11.64
CA GLN D 8 -11.15 25.19 -12.23
C GLN D 8 -10.07 24.99 -11.17
N SER D 9 -10.23 25.57 -9.97
CA SER D 9 -9.28 25.42 -8.86
C SER D 9 -9.33 23.99 -8.32
N ASN D 10 -10.53 23.40 -8.25
CA ASN D 10 -10.74 22.02 -7.79
C ASN D 10 -10.12 21.04 -8.78
N ARG D 11 -10.24 21.34 -10.09
CA ARG D 11 -9.67 20.59 -11.20
C ARG D 11 -8.12 20.62 -11.07
N GLU D 12 -7.58 21.79 -10.76
CA GLU D 12 -6.15 22.01 -10.56
C GLU D 12 -5.60 21.20 -9.41
N LEU D 13 -6.33 21.13 -8.29
CA LEU D 13 -5.98 20.36 -7.09
C LEU D 13 -5.98 18.87 -7.41
N VAL D 14 -6.99 18.41 -8.16
CA VAL D 14 -7.08 17.00 -8.58
C VAL D 14 -5.82 16.60 -9.39
N VAL D 15 -5.50 17.41 -10.40
CA VAL D 15 -4.37 17.20 -11.30
C VAL D 15 -3.04 17.22 -10.52
N ASP D 16 -2.87 18.21 -9.65
CA ASP D 16 -1.65 18.31 -8.85
C ASP D 16 -1.46 17.10 -7.94
N PHE D 17 -2.52 16.68 -7.22
CA PHE D 17 -2.45 15.58 -6.28
C PHE D 17 -2.18 14.26 -7.00
N LEU D 18 -2.87 14.05 -8.13
CA LEU D 18 -2.72 12.80 -8.88
C LEU D 18 -1.33 12.70 -9.50
N SER D 19 -0.79 13.83 -9.97
CA SER D 19 0.56 13.91 -10.56
C SER D 19 1.59 13.46 -9.53
N TYR D 20 1.41 13.93 -8.27
CA TYR D 20 2.24 13.63 -7.13
C TYR D 20 2.24 12.13 -6.79
N LYS D 21 1.06 11.54 -6.61
CA LYS D 21 0.91 10.13 -6.27
C LYS D 21 1.47 9.19 -7.35
N LEU D 22 1.30 9.58 -8.63
CA LEU D 22 1.81 8.80 -9.73
C LEU D 22 3.36 8.86 -9.73
N SER D 23 3.93 10.07 -9.52
CA SER D 23 5.38 10.30 -9.48
C SER D 23 6.07 9.54 -8.34
N GLN D 24 5.35 9.26 -7.23
CA GLN D 24 5.88 8.50 -6.09
C GLN D 24 6.12 7.06 -6.43
N LYS D 25 5.45 6.56 -7.48
CA LYS D 25 5.54 5.18 -7.97
C LYS D 25 6.29 5.08 -9.30
N GLY D 26 6.91 6.17 -9.72
CA GLY D 26 7.68 6.23 -10.97
C GLY D 26 6.84 6.31 -12.22
N TYR D 27 5.60 6.82 -12.09
CA TYR D 27 4.63 7.00 -13.16
C TYR D 27 4.45 8.49 -13.35
N SER D 28 3.72 8.92 -14.38
CA SER D 28 3.49 10.36 -14.58
C SER D 28 2.13 10.64 -15.12
N TRP D 29 1.56 11.76 -14.68
CA TRP D 29 0.23 12.23 -15.12
C TRP D 29 0.28 12.59 -16.60
N SER D 30 1.39 13.27 -17.01
CA SER D 30 1.61 13.75 -18.36
C SER D 30 3.09 13.94 -18.59
N GLN D 31 3.46 14.25 -19.87
CA GLN D 31 4.84 14.54 -20.27
C GLN D 31 5.35 15.78 -19.53
N MET D 32 4.50 16.81 -19.39
CA MET D 32 4.77 18.05 -18.63
C MET D 32 5.05 17.75 -17.15
N ALA D 33 4.25 16.89 -16.51
CA ALA D 33 4.43 16.49 -15.11
C ALA D 33 5.74 15.73 -14.95
N ALA D 34 6.15 14.96 -15.99
CA ALA D 34 7.40 14.18 -15.97
C ALA D 34 8.57 15.14 -16.06
N VAL D 35 8.44 16.24 -16.85
CA VAL D 35 9.47 17.28 -16.97
C VAL D 35 9.59 18.07 -15.65
N LYS D 36 8.45 18.49 -15.07
CA LYS D 36 8.41 19.22 -13.81
C LYS D 36 9.08 18.42 -12.71
N GLN D 37 8.78 17.12 -12.63
CA GLN D 37 9.33 16.23 -11.62
C GLN D 37 10.84 15.99 -11.79
N ALA D 38 11.35 15.72 -13.00
CA ALA D 38 12.79 15.49 -13.22
C ALA D 38 13.61 16.76 -12.94
N LEU D 39 13.04 17.93 -13.22
CA LEU D 39 13.71 19.20 -12.95
C LEU D 39 13.69 19.52 -11.44
N ARG D 40 12.58 19.18 -10.71
CA ARG D 40 12.48 19.35 -9.25
C ARG D 40 13.56 18.51 -8.59
N GLU D 41 13.74 17.25 -9.07
CA GLU D 41 14.75 16.34 -8.52
C GLU D 41 16.15 16.72 -8.91
N ALA D 42 16.36 17.14 -10.17
CA ALA D 42 17.70 17.54 -10.62
C ALA D 42 18.19 18.79 -9.85
N GLY D 43 17.25 19.69 -9.53
CA GLY D 43 17.50 20.88 -8.73
C GLY D 43 17.95 20.51 -7.34
N ASP D 44 17.21 19.62 -6.65
CA ASP D 44 17.55 19.07 -5.33
C ASP D 44 18.92 18.41 -5.34
N GLU D 45 19.22 17.60 -6.38
CA GLU D 45 20.49 16.89 -6.54
C GLU D 45 21.63 17.89 -6.70
N PHE D 46 21.47 18.84 -7.63
CA PHE D 46 22.49 19.87 -7.85
C PHE D 46 22.78 20.65 -6.57
N GLU D 47 21.73 21.04 -5.82
CA GLU D 47 21.84 21.81 -4.59
C GLU D 47 22.53 21.06 -3.46
N LEU D 48 22.34 19.72 -3.44
CA LEU D 48 22.95 18.84 -2.43
C LEU D 48 24.39 18.55 -2.80
N ARG D 49 24.63 18.04 -4.03
CA ARG D 49 25.94 17.67 -4.56
C ARG D 49 26.88 18.85 -4.77
N TYR D 50 26.39 19.92 -5.39
CA TYR D 50 27.16 21.15 -5.62
C TYR D 50 26.78 22.22 -4.59
N ARG D 51 26.51 21.81 -3.31
CA ARG D 51 26.22 22.69 -2.17
C ARG D 51 27.14 23.92 -2.19
N ARG D 52 28.40 23.71 -2.63
CA ARG D 52 29.45 24.70 -2.74
C ARG D 52 29.32 25.67 -3.91
N ALA D 53 28.93 25.21 -5.12
CA ALA D 53 28.74 26.09 -6.30
C ALA D 53 27.80 27.24 -5.89
N PHE D 54 26.63 26.85 -5.34
CA PHE D 54 25.57 27.64 -4.73
C PHE D 54 26.15 28.79 -3.81
N SER D 55 26.65 28.42 -2.59
CA SER D 55 27.17 29.33 -1.54
C SER D 55 28.14 30.45 -1.99
N ASP D 56 28.88 30.20 -3.08
CA ASP D 56 29.84 31.15 -3.67
C ASP D 56 29.12 32.31 -4.36
N LEU D 57 28.05 31.98 -5.11
CA LEU D 57 27.23 32.95 -5.86
C LEU D 57 26.43 33.89 -4.95
N THR D 58 25.58 33.29 -4.08
CA THR D 58 24.65 33.89 -3.12
C THR D 58 25.26 35.02 -2.26
N SER D 59 26.50 34.81 -1.77
CA SER D 59 27.21 35.80 -0.96
C SER D 59 27.78 36.96 -1.80
N GLN D 60 27.70 36.86 -3.16
CA GLN D 60 28.22 37.86 -4.08
C GLN D 60 27.15 38.66 -4.84
N LEU D 61 26.00 38.02 -5.19
CA LEU D 61 24.90 38.65 -5.93
C LEU D 61 24.31 39.90 -5.25
N HIS D 62 24.15 39.86 -3.91
CA HIS D 62 23.56 40.92 -3.07
C HIS D 62 22.33 41.57 -3.73
N ILE D 63 21.21 40.83 -3.75
CA ILE D 63 20.00 41.38 -4.32
C ILE D 63 19.41 42.41 -3.37
N THR D 64 18.90 43.47 -3.97
CA THR D 64 18.15 44.58 -3.38
C THR D 64 17.08 44.82 -4.47
N PRO D 65 15.93 45.49 -4.22
CA PRO D 65 14.98 45.74 -5.32
C PRO D 65 15.56 46.66 -6.40
N GLY D 66 16.80 47.11 -6.19
CA GLY D 66 17.54 47.97 -7.09
C GLY D 66 18.62 47.26 -7.88
N THR D 67 19.47 46.45 -7.20
CA THR D 67 20.56 45.68 -7.84
C THR D 67 20.14 44.23 -8.22
N ALA D 68 18.85 43.86 -8.06
CA ALA D 68 18.40 42.49 -8.35
C ALA D 68 18.58 42.03 -9.81
N TYR D 69 18.19 42.87 -10.81
CA TYR D 69 18.25 42.53 -12.24
C TYR D 69 19.68 42.34 -12.75
N GLN D 70 20.61 43.27 -12.39
CA GLN D 70 22.04 43.20 -12.73
C GLN D 70 22.62 41.88 -12.26
N SER D 71 22.33 41.49 -10.99
CA SER D 71 22.74 40.21 -10.38
C SER D 71 22.01 39.03 -11.05
N PHE D 72 21.36 39.25 -12.24
CA PHE D 72 20.69 38.15 -12.93
C PHE D 72 21.27 37.93 -14.32
N GLU D 73 21.10 38.90 -15.26
CA GLU D 73 21.60 38.78 -16.63
C GLU D 73 23.11 38.50 -16.67
N GLN D 74 23.89 39.13 -15.76
CA GLN D 74 25.33 38.90 -15.68
C GLN D 74 25.63 37.49 -15.17
N VAL D 75 25.04 37.08 -14.00
CA VAL D 75 25.23 35.77 -13.38
C VAL D 75 24.92 34.65 -14.35
N VAL D 76 23.79 34.74 -15.04
CA VAL D 76 23.42 33.71 -15.98
C VAL D 76 24.41 33.67 -17.19
N ASN D 77 24.78 34.83 -17.72
CA ASN D 77 25.75 34.88 -18.84
C ASN D 77 27.10 34.26 -18.47
N GLU D 78 27.57 34.50 -17.22
CA GLU D 78 28.79 33.88 -16.69
C GLU D 78 28.58 32.35 -16.59
N LEU D 79 27.42 31.91 -16.09
CA LEU D 79 27.06 30.50 -15.96
C LEU D 79 27.06 29.76 -17.32
N PHE D 80 26.61 30.44 -18.41
CA PHE D 80 26.56 29.89 -19.78
C PHE D 80 27.71 30.38 -20.72
N ARG D 81 28.78 31.04 -20.15
CA ARG D 81 29.94 31.59 -20.88
C ARG D 81 30.58 30.60 -21.85
N ASP D 82 30.75 29.34 -21.42
CA ASP D 82 31.32 28.25 -22.24
C ASP D 82 30.27 27.41 -22.99
N GLY D 83 29.02 27.89 -23.02
CA GLY D 83 27.94 27.20 -23.72
C GLY D 83 26.81 26.68 -22.85
N VAL D 84 25.78 26.15 -23.50
CA VAL D 84 24.60 25.58 -22.84
C VAL D 84 24.71 24.05 -22.79
N ASN D 85 24.31 23.45 -21.66
CA ASN D 85 24.21 22.02 -21.41
C ASN D 85 23.11 21.84 -20.36
N TRP D 86 22.59 20.61 -20.20
CA TRP D 86 21.49 20.34 -19.26
C TRP D 86 21.83 20.65 -17.79
N GLY D 87 23.05 20.31 -17.36
CA GLY D 87 23.56 20.56 -16.03
C GLY D 87 23.57 22.03 -15.65
N ARG D 88 24.00 22.87 -16.60
CA ARG D 88 24.00 24.34 -16.48
C ARG D 88 22.56 24.88 -16.43
N ILE D 89 21.63 24.26 -17.18
CA ILE D 89 20.20 24.61 -17.17
C ILE D 89 19.61 24.35 -15.78
N VAL D 90 19.94 23.19 -15.19
CA VAL D 90 19.52 22.82 -13.83
C VAL D 90 20.04 23.89 -12.83
N ALA D 91 21.33 24.28 -12.93
CA ALA D 91 21.99 25.30 -12.10
C ALA D 91 21.28 26.64 -12.22
N PHE D 92 20.83 26.98 -13.44
CA PHE D 92 20.06 28.20 -13.75
C PHE D 92 18.77 28.23 -12.92
N PHE D 93 18.02 27.10 -12.92
CA PHE D 93 16.77 26.99 -12.17
C PHE D 93 17.06 27.14 -10.69
N SER D 94 18.06 26.36 -10.18
CA SER D 94 18.50 26.39 -8.78
CA SER D 94 18.47 26.40 -8.78
C SER D 94 18.88 27.80 -8.35
N PHE D 95 19.57 28.55 -9.22
CA PHE D 95 19.98 29.93 -8.92
C PHE D 95 18.75 30.82 -8.74
N GLY D 96 17.79 30.72 -9.67
CA GLY D 96 16.52 31.42 -9.60
C GLY D 96 15.80 31.14 -8.28
N GLY D 97 15.73 29.85 -7.94
CA GLY D 97 15.13 29.36 -6.70
C GLY D 97 15.75 29.98 -5.47
N ALA D 98 17.10 30.00 -5.40
CA ALA D 98 17.86 30.60 -4.29
C ALA D 98 17.56 32.09 -4.18
N LEU D 99 17.58 32.83 -5.33
CA LEU D 99 17.27 34.25 -5.41
C LEU D 99 15.88 34.55 -4.78
N CYS D 100 14.87 33.72 -5.12
CA CYS D 100 13.50 33.85 -4.60
C CYS D 100 13.41 33.60 -3.09
N VAL D 101 14.10 32.53 -2.59
CA VAL D 101 14.11 32.18 -1.17
C VAL D 101 14.71 33.34 -0.32
N GLU D 102 15.87 33.88 -0.76
CA GLU D 102 16.57 34.97 -0.12
C GLU D 102 15.69 36.23 -0.08
N SER D 103 14.94 36.50 -1.19
CA SER D 103 14.00 37.63 -1.29
C SER D 103 12.90 37.48 -0.24
N VAL D 104 12.34 36.28 -0.09
CA VAL D 104 11.29 36.01 0.92
C VAL D 104 11.87 36.11 2.35
N ASP D 105 13.11 35.60 2.58
CA ASP D 105 13.82 35.69 3.88
C ASP D 105 13.92 37.15 4.31
N LYS D 106 14.25 38.05 3.36
CA LYS D 106 14.41 39.49 3.58
C LYS D 106 13.08 40.27 3.56
N GLU D 107 11.92 39.57 3.59
CA GLU D 107 10.57 40.17 3.57
C GLU D 107 10.38 41.03 2.29
N MET D 108 10.84 40.50 1.14
CA MET D 108 10.80 41.13 -0.18
C MET D 108 10.23 40.12 -1.18
N GLN D 109 9.14 39.40 -0.77
CA GLN D 109 8.41 38.49 -1.63
C GLN D 109 8.00 39.25 -2.92
N VAL D 110 7.81 40.59 -2.85
CA VAL D 110 7.50 41.47 -4.01
C VAL D 110 8.38 41.17 -5.24
N LEU D 111 9.66 40.82 -5.00
CA LEU D 111 10.70 40.50 -5.97
C LEU D 111 10.56 39.17 -6.69
N VAL D 112 9.86 38.18 -6.08
CA VAL D 112 9.70 36.80 -6.59
C VAL D 112 9.08 36.76 -7.99
N SER D 113 7.98 37.48 -8.22
CA SER D 113 7.31 37.49 -9.52
C SER D 113 8.23 38.09 -10.60
N ARG D 114 9.11 39.11 -10.22
CA ARG D 114 10.11 39.74 -11.11
C ARG D 114 11.16 38.71 -11.48
N ILE D 115 11.73 38.03 -10.48
CA ILE D 115 12.74 36.98 -10.68
C ILE D 115 12.16 35.89 -11.61
N ALA D 116 10.89 35.46 -11.40
CA ALA D 116 10.17 34.46 -12.23
C ALA D 116 10.07 34.93 -13.68
N ALA D 117 9.79 36.23 -13.91
CA ALA D 117 9.68 36.81 -15.26
C ALA D 117 11.05 36.85 -15.95
N TRP D 118 12.12 37.19 -15.22
CA TRP D 118 13.49 37.20 -15.79
C TRP D 118 13.93 35.79 -16.21
N MET D 119 13.55 34.79 -15.40
CA MET D 119 13.87 33.38 -15.70
C MET D 119 13.16 32.92 -16.96
N ALA D 120 11.82 33.15 -17.05
CA ALA D 120 11.01 32.79 -18.22
C ALA D 120 11.54 33.49 -19.48
N THR D 121 11.91 34.79 -19.38
CA THR D 121 12.49 35.54 -20.48
C THR D 121 13.83 34.94 -20.93
N TYR D 122 14.75 34.66 -19.98
CA TYR D 122 16.06 34.11 -20.32
C TYR D 122 15.92 32.73 -20.98
N LEU D 123 15.01 31.90 -20.46
CA LEU D 123 14.70 30.57 -20.97
C LEU D 123 14.17 30.70 -22.41
N ASN D 124 13.15 31.57 -22.63
CA ASN D 124 12.56 31.76 -23.95
C ASN D 124 13.54 32.33 -24.98
N ASP D 125 14.31 33.38 -24.61
CA ASP D 125 15.23 34.06 -25.50
C ASP D 125 16.64 33.46 -25.67
N HIS D 126 17.21 32.86 -24.62
CA HIS D 126 18.59 32.37 -24.69
C HIS D 126 18.75 30.85 -24.51
N LEU D 127 17.76 30.14 -23.95
CA LEU D 127 17.93 28.70 -23.71
C LEU D 127 17.11 27.82 -24.63
N GLU D 128 15.89 28.26 -25.01
CA GLU D 128 14.96 27.53 -25.86
C GLU D 128 15.56 27.11 -27.24
N PRO D 129 16.40 27.92 -27.95
CA PRO D 129 16.99 27.41 -29.21
C PRO D 129 17.82 26.14 -28.98
N TRP D 130 18.59 26.09 -27.85
CA TRP D 130 19.43 24.94 -27.46
C TRP D 130 18.55 23.77 -27.08
N ILE D 131 17.57 24.00 -26.18
CA ILE D 131 16.66 22.95 -25.70
C ILE D 131 16.01 22.23 -26.88
N GLN D 132 15.47 23.00 -27.84
CA GLN D 132 14.78 22.51 -29.03
C GLN D 132 15.69 21.74 -30.00
N GLU D 133 16.96 22.12 -30.14
CA GLU D 133 17.84 21.39 -31.05
C GLU D 133 18.56 20.22 -30.35
N ASN D 134 18.45 20.12 -29.00
CA ASN D 134 19.05 19.03 -28.22
C ASN D 134 18.02 17.99 -27.71
N GLY D 135 16.88 17.89 -28.40
CA GLY D 135 15.86 16.88 -28.12
C GLY D 135 14.64 17.32 -27.34
N GLY D 136 14.68 18.55 -26.83
CA GLY D 136 13.59 19.10 -26.03
C GLY D 136 13.67 18.60 -24.60
N TRP D 137 12.72 19.01 -23.77
CA TRP D 137 12.64 18.63 -22.38
C TRP D 137 12.45 17.10 -22.17
N ASP D 138 11.93 16.38 -23.19
CA ASP D 138 11.76 14.91 -23.14
C ASP D 138 13.12 14.21 -23.09
N THR D 139 14.13 14.79 -23.79
CA THR D 139 15.50 14.27 -23.78
C THR D 139 16.12 14.48 -22.38
N PHE D 140 15.84 15.63 -21.72
CA PHE D 140 16.29 15.91 -20.34
C PHE D 140 15.72 14.85 -19.40
N VAL D 141 14.40 14.54 -19.51
CA VAL D 141 13.70 13.50 -18.74
C VAL D 141 14.43 12.14 -18.88
N GLU D 142 14.74 11.75 -20.13
CA GLU D 142 15.43 10.50 -20.45
C GLU D 142 16.86 10.48 -19.89
N LEU D 143 17.61 11.60 -20.04
CA LEU D 143 18.99 11.72 -19.55
C LEU D 143 19.06 11.70 -18.04
N TYR D 144 18.14 12.40 -17.37
CA TYR D 144 18.12 12.41 -15.91
C TYR D 144 17.75 11.03 -15.29
N GLY D 145 16.74 10.37 -15.86
CA GLY D 145 16.25 9.07 -15.40
C GLY D 145 15.14 9.12 -14.35
#